data_9HHD
#
_entry.id   9HHD
#
_cell.length_a   38.447
_cell.length_b   88.106
_cell.length_c   108.046
_cell.angle_alpha   90.00
_cell.angle_beta   90.00
_cell.angle_gamma   90.00
#
_symmetry.space_group_name_H-M   'I 2 2 2'
#
loop_
_entity.id
_entity.type
_entity.pdbx_description
1 polymer 'Bromodomain protein 1'
2 non-polymer 3-methyl-1-(2-methylphenyl)-5,6,7,8-tetrahydro-2~{H}-cyclohepta[c]pyrrol-4-one
3 water water
#
_entity_poly.entity_id   1
_entity_poly.type   'polypeptide(L)'
_entity_poly.pdbx_seq_one_letter_code
;GPLGSPEFMNKQWYLLANQLILSLSKYEGGHIFEKLVDAKKQNCPDYYDVIKNPMSFSCIKTKLKKGQYAYPSEFVKDVQ
LIFDNCSLYNTSNSVVAITGKNIETYFNNQLIVMGYNNFILKEKKINDMLKLVEEEN
;
_entity_poly.pdbx_strand_id   A
#
loop_
_chem_comp.id
_chem_comp.type
_chem_comp.name
_chem_comp.formula
A1IUZ non-polymer 3-methyl-1-(2-methylphenyl)-5,6,7,8-tetrahydro-2~{H}-cyclohepta[c]pyrrol-4-one 'C17 H19 N O'
#
# COMPACT_ATOMS: atom_id res chain seq x y z
N GLY A 4 -4.00 -21.16 12.54
CA GLY A 4 -3.80 -21.94 11.33
C GLY A 4 -2.35 -22.31 11.12
N SER A 5 -2.04 -22.97 10.00
CA SER A 5 -0.65 -23.33 9.73
C SER A 5 0.16 -22.08 9.42
N PRO A 6 1.33 -21.89 10.06
CA PRO A 6 2.05 -20.61 9.91
C PRO A 6 2.46 -20.29 8.48
N GLU A 7 2.97 -21.27 7.72
CA GLU A 7 3.36 -20.97 6.36
C GLU A 7 2.15 -20.89 5.44
N PHE A 8 1.12 -21.69 5.74
CA PHE A 8 -0.15 -21.58 5.02
C PHE A 8 -0.70 -20.16 5.11
N MET A 9 -0.74 -19.59 6.32
CA MET A 9 -1.18 -18.21 6.49
C MET A 9 -0.36 -17.25 5.65
N ASN A 10 0.96 -17.42 5.63
CA ASN A 10 1.80 -16.54 4.82
C ASN A 10 1.48 -16.66 3.35
N LYS A 11 1.27 -17.88 2.85
CA LYS A 11 0.81 -18.02 1.47
C LYS A 11 -0.50 -17.29 1.27
N GLN A 12 -1.41 -17.36 2.25
CA GLN A 12 -2.71 -16.72 2.11
C GLN A 12 -2.56 -15.22 1.95
N TRP A 13 -1.97 -14.54 2.94
CA TRP A 13 -1.99 -13.08 2.86
C TRP A 13 -1.11 -12.57 1.73
N TYR A 14 -0.07 -13.33 1.34
CA TYR A 14 0.62 -13.01 0.10
C TYR A 14 -0.33 -13.00 -1.10
N LEU A 15 -1.22 -13.99 -1.19
CA LEU A 15 -2.20 -14.01 -2.29
C LEU A 15 -3.14 -12.81 -2.22
N LEU A 16 -3.66 -12.48 -1.04
CA LEU A 16 -4.53 -11.32 -0.92
C LEU A 16 -3.80 -10.02 -1.28
N ALA A 17 -2.56 -9.88 -0.83
CA ALA A 17 -1.76 -8.71 -1.18
C ALA A 17 -1.57 -8.60 -2.68
N ASN A 18 -1.22 -9.69 -3.36
CA ASN A 18 -1.05 -9.61 -4.80
C ASN A 18 -2.37 -9.28 -5.49
N GLN A 19 -3.48 -9.81 -4.97
CA GLN A 19 -4.79 -9.44 -5.47
C GLN A 19 -5.07 -7.97 -5.24
N LEU A 20 -4.73 -7.49 -4.05
CA LEU A 20 -5.14 -6.15 -3.64
C LEU A 20 -4.35 -5.09 -4.40
N ILE A 21 -3.06 -5.32 -4.60
CA ILE A 21 -2.28 -4.35 -5.37
C ILE A 21 -2.79 -4.29 -6.80
N LEU A 22 -3.34 -5.39 -7.31
CA LEU A 22 -3.84 -5.38 -8.69
C LEU A 22 -5.14 -4.62 -8.78
N SER A 23 -6.07 -4.88 -7.85
CA SER A 23 -7.29 -4.09 -7.79
C SER A 23 -6.98 -2.59 -7.73
N LEU A 24 -5.93 -2.19 -6.99
CA LEU A 24 -5.61 -0.77 -6.91
C LEU A 24 -5.09 -0.22 -8.23
N SER A 25 -4.35 -1.05 -8.99
CA SER A 25 -3.90 -0.62 -10.30
C SER A 25 -5.04 -0.41 -11.27
N LYS A 26 -6.14 -1.17 -11.14
CA LYS A 26 -7.27 -1.02 -12.04
C LYS A 26 -8.36 -0.11 -11.51
N TYR A 27 -8.30 0.28 -10.24
CA TYR A 27 -9.30 1.19 -9.70
C TYR A 27 -9.21 2.55 -10.40
N GLU A 28 -10.35 3.24 -10.42
CA GLU A 28 -10.41 4.57 -11.02
C GLU A 28 -9.28 5.46 -10.53
N GLY A 29 -8.49 6.00 -11.46
CA GLY A 29 -7.40 6.87 -11.12
C GLY A 29 -6.15 6.18 -10.60
N GLY A 30 -6.19 4.88 -10.36
CA GLY A 30 -5.03 4.19 -9.81
C GLY A 30 -3.78 4.32 -10.65
N HIS A 31 -3.91 4.67 -11.92
CA HIS A 31 -2.75 4.72 -12.80
C HIS A 31 -1.76 5.83 -12.42
N ILE A 32 -2.17 6.82 -11.63
CA ILE A 32 -1.21 7.85 -11.24
C ILE A 32 -0.31 7.40 -10.11
N PHE A 33 -0.67 6.32 -9.42
CA PHE A 33 0.18 5.72 -8.40
C PHE A 33 0.94 4.51 -8.89
N GLU A 34 0.79 4.13 -10.16
CA GLU A 34 1.38 2.89 -10.64
C GLU A 34 2.90 2.95 -10.62
N LYS A 35 3.47 4.04 -11.14
CA LYS A 35 4.90 4.18 -11.25
C LYS A 35 5.39 5.35 -10.40
N LEU A 36 6.69 5.37 -10.12
CA LEU A 36 7.27 6.50 -9.43
C LEU A 36 7.14 7.75 -10.29
N VAL A 37 6.91 8.89 -9.63
CA VAL A 37 6.75 10.13 -10.37
C VAL A 37 8.06 10.49 -11.05
N ASP A 38 7.99 10.81 -12.34
CA ASP A 38 9.11 11.43 -13.04
C ASP A 38 8.91 12.94 -12.94
N ALA A 39 9.71 13.59 -12.08
CA ALA A 39 9.46 15.00 -11.76
C ALA A 39 9.41 15.88 -13.01
N LYS A 40 10.12 15.49 -14.07
CA LYS A 40 10.17 16.29 -15.28
C LYS A 40 8.90 16.11 -16.12
N LYS A 41 8.55 14.85 -16.43
CA LYS A 41 7.39 14.57 -17.26
C LYS A 41 6.08 14.98 -16.59
N GLN A 42 6.02 15.04 -15.26
CA GLN A 42 4.88 15.56 -14.54
C GLN A 42 5.04 17.03 -14.20
N ASN A 43 6.13 17.64 -14.65
CA ASN A 43 6.51 19.03 -14.37
C ASN A 43 6.18 19.43 -12.94
N CYS A 44 6.54 18.55 -12.01
CA CYS A 44 6.62 18.87 -10.58
C CYS A 44 8.08 18.69 -10.18
N PRO A 45 8.96 19.61 -10.59
CA PRO A 45 10.40 19.36 -10.45
C PRO A 45 10.90 19.34 -9.02
N ASP A 46 10.06 19.66 -8.03
CA ASP A 46 10.45 19.66 -6.63
C ASP A 46 9.96 18.42 -5.89
N TYR A 47 9.47 17.41 -6.61
CA TYR A 47 8.77 16.31 -5.95
C TYR A 47 9.66 15.56 -4.97
N TYR A 48 10.88 15.20 -5.40
CA TYR A 48 11.77 14.44 -4.52
C TYR A 48 12.55 15.35 -3.57
N ASP A 49 12.34 16.67 -3.62
CA ASP A 49 12.71 17.52 -2.51
C ASP A 49 11.71 17.40 -1.36
N VAL A 50 10.45 17.08 -1.68
CA VAL A 50 9.42 16.97 -0.66
C VAL A 50 9.26 15.53 -0.19
N ILE A 51 9.19 14.61 -1.14
CA ILE A 51 8.96 13.20 -0.88
C ILE A 51 10.31 12.49 -0.85
N LYS A 52 10.74 12.13 0.36
CA LYS A 52 12.02 11.45 0.55
C LYS A 52 11.89 9.94 0.68
N ASN A 53 10.66 9.42 0.80
CA ASN A 53 10.40 7.98 0.90
C ASN A 53 9.38 7.62 -0.20
N PRO A 54 9.84 7.58 -1.45
CA PRO A 54 8.91 7.39 -2.57
C PRO A 54 8.38 5.97 -2.67
N MET A 55 7.13 5.85 -3.13
CA MET A 55 6.53 4.53 -3.22
C MET A 55 5.48 4.51 -4.34
N SER A 56 5.37 3.37 -5.02
CA SER A 56 4.43 3.19 -6.11
C SER A 56 3.97 1.74 -6.18
N PHE A 57 2.84 1.52 -6.85
CA PHE A 57 2.28 0.18 -6.95
C PHE A 57 3.30 -0.80 -7.54
N SER A 58 4.09 -0.35 -8.49
CA SER A 58 5.09 -1.23 -9.11
C SER A 58 6.24 -1.56 -8.16
N CYS A 59 6.61 -0.64 -7.27
CA CYS A 59 7.60 -0.97 -6.25
C CYS A 59 7.07 -2.07 -5.34
N ILE A 60 5.83 -1.95 -4.91
CA ILE A 60 5.21 -2.93 -4.04
C ILE A 60 5.06 -4.27 -4.74
N LYS A 61 4.74 -4.24 -6.04
CA LYS A 61 4.65 -5.48 -6.79
C LYS A 61 6.00 -6.19 -6.81
N THR A 62 7.07 -5.44 -6.99
CA THR A 62 8.40 -6.03 -6.98
C THR A 62 8.71 -6.64 -5.63
N LYS A 63 8.36 -5.95 -4.53
CA LYS A 63 8.60 -6.54 -3.21
C LYS A 63 7.84 -7.85 -3.07
N LEU A 64 6.55 -7.84 -3.43
CA LEU A 64 5.76 -9.06 -3.41
C LEU A 64 6.42 -10.15 -4.25
N LYS A 65 6.79 -9.82 -5.48
CA LYS A 65 7.45 -10.79 -6.35
C LYS A 65 8.75 -11.27 -5.74
N LYS A 66 9.54 -10.37 -5.16
CA LYS A 66 10.79 -10.78 -4.55
C LYS A 66 10.63 -11.37 -3.15
N GLY A 67 9.40 -11.54 -2.66
CA GLY A 67 9.21 -12.07 -1.31
C GLY A 67 9.82 -11.21 -0.23
N GLN A 68 9.76 -9.90 -0.38
CA GLN A 68 10.40 -9.00 0.57
C GLN A 68 9.47 -8.49 1.67
N TYR A 69 8.29 -9.07 1.84
CA TYR A 69 7.44 -8.76 2.99
C TYR A 69 7.43 -9.93 3.94
N ALA A 70 7.85 -9.68 5.18
CA ALA A 70 7.84 -10.68 6.24
C ALA A 70 6.54 -10.70 7.02
N TYR A 71 5.84 -9.57 7.12
CA TYR A 71 4.60 -9.47 7.89
C TYR A 71 3.52 -8.83 7.04
N PRO A 72 2.25 -9.20 7.30
CA PRO A 72 1.14 -8.60 6.53
C PRO A 72 1.03 -7.09 6.71
N SER A 73 1.39 -6.56 7.88
CA SER A 73 1.35 -5.11 8.10
C SER A 73 2.37 -4.37 7.24
N GLU A 74 3.45 -5.03 6.82
CA GLU A 74 4.45 -4.35 6.02
C GLU A 74 3.94 -3.97 4.64
N PHE A 75 3.03 -4.77 4.08
CA PHE A 75 2.42 -4.44 2.80
C PHE A 75 1.50 -3.23 2.92
N VAL A 76 0.66 -3.20 3.96
CA VAL A 76 -0.24 -2.07 4.17
C VAL A 76 0.56 -0.79 4.37
N LYS A 77 1.60 -0.87 5.20
CA LYS A 77 2.45 0.30 5.45
C LYS A 77 2.96 0.90 4.15
N ASP A 78 3.39 0.07 3.20
CA ASP A 78 3.90 0.62 1.94
C ASP A 78 2.78 1.26 1.14
N VAL A 79 1.63 0.59 1.03
CA VAL A 79 0.50 1.20 0.33
C VAL A 79 0.07 2.49 1.03
N GLN A 80 0.00 2.46 2.36
CA GLN A 80 -0.41 3.68 3.06
C GLN A 80 0.57 4.80 2.82
N LEU A 81 1.84 4.46 2.58
CA LEU A 81 2.87 5.46 2.33
C LEU A 81 2.58 6.21 1.04
N ILE A 82 2.12 5.49 0.02
CA ILE A 82 1.72 6.15 -1.22
C ILE A 82 0.66 7.22 -0.93
N PHE A 83 -0.34 6.87 -0.12
CA PHE A 83 -1.43 7.79 0.16
C PHE A 83 -0.97 8.95 1.01
N ASP A 84 -0.01 8.71 1.91
CA ASP A 84 0.54 9.78 2.73
C ASP A 84 1.40 10.72 1.90
N ASN A 85 2.21 10.19 0.98
CA ASN A 85 2.98 11.06 0.10
C ASN A 85 2.04 11.90 -0.75
N CYS A 86 0.94 11.30 -1.21
CA CYS A 86 0.01 12.00 -2.08
C CYS A 86 -0.63 13.17 -1.36
N SER A 87 -1.15 12.92 -0.15
CA SER A 87 -1.78 14.02 0.59
C SER A 87 -0.75 15.05 1.06
N LEU A 88 0.48 14.62 1.38
CA LEU A 88 1.50 15.60 1.73
C LEU A 88 1.79 16.53 0.55
N TYR A 89 2.08 15.97 -0.61
CA TYR A 89 2.54 16.81 -1.70
C TYR A 89 1.40 17.63 -2.33
N ASN A 90 0.24 17.03 -2.54
CA ASN A 90 -0.83 17.68 -3.27
C ASN A 90 -1.81 18.35 -2.31
N THR A 91 -2.21 19.57 -2.64
CA THR A 91 -3.13 20.31 -1.79
C THR A 91 -4.50 19.64 -1.78
N SER A 92 -5.21 19.79 -0.67
N SER A 92 -5.22 19.80 -0.67
CA SER A 92 -6.42 18.98 -0.43
CA SER A 92 -6.41 18.99 -0.43
C SER A 92 -7.48 19.18 -1.51
C SER A 92 -7.48 19.19 -1.50
N ASN A 93 -7.52 20.34 -2.16
CA ASN A 93 -8.54 20.59 -3.17
C ASN A 93 -8.09 20.25 -4.59
N SER A 94 -6.95 19.57 -4.75
CA SER A 94 -6.45 19.19 -6.07
C SER A 94 -7.06 17.87 -6.54
N VAL A 95 -7.03 17.69 -7.87
CA VAL A 95 -7.52 16.45 -8.46
C VAL A 95 -6.78 15.26 -7.86
N VAL A 96 -5.44 15.35 -7.80
CA VAL A 96 -4.64 14.23 -7.33
C VAL A 96 -4.93 13.90 -5.88
N ALA A 97 -4.99 14.93 -5.02
CA ALA A 97 -5.31 14.66 -3.63
C ALA A 97 -6.66 13.95 -3.49
N ILE A 98 -7.67 14.41 -4.23
CA ILE A 98 -9.00 13.83 -4.13
C ILE A 98 -8.98 12.40 -4.62
N THR A 99 -8.34 12.16 -5.77
CA THR A 99 -8.16 10.82 -6.31
C THR A 99 -7.45 9.91 -5.32
N GLY A 100 -6.42 10.44 -4.65
CA GLY A 100 -5.70 9.66 -3.67
C GLY A 100 -6.56 9.26 -2.49
N LYS A 101 -7.43 10.17 -2.01
CA LYS A 101 -8.29 9.82 -0.88
C LYS A 101 -9.35 8.82 -1.30
N ASN A 102 -9.75 8.84 -2.57
CA ASN A 102 -10.75 7.89 -3.04
C ASN A 102 -10.16 6.47 -3.11
N ILE A 103 -8.94 6.34 -3.63
N ILE A 103 -8.93 6.35 -3.58
CA ILE A 103 -8.35 5.01 -3.68
CA ILE A 103 -8.28 5.04 -3.58
C ILE A 103 -7.87 4.56 -2.30
C ILE A 103 -7.98 4.58 -2.17
N GLU A 104 -7.60 5.50 -1.38
N GLU A 104 -7.53 5.50 -1.29
CA GLU A 104 -7.29 5.11 -0.01
CA GLU A 104 -7.26 5.11 0.09
C GLU A 104 -8.51 4.51 0.68
C GLU A 104 -8.50 4.54 0.77
N THR A 105 -9.66 5.18 0.57
CA THR A 105 -10.90 4.65 1.14
C THR A 105 -11.17 3.25 0.62
N TYR A 106 -11.01 3.06 -0.69
CA TYR A 106 -11.22 1.75 -1.30
C TYR A 106 -10.24 0.70 -0.77
N PHE A 107 -8.96 1.07 -0.66
CA PHE A 107 -7.97 0.13 -0.11
C PHE A 107 -8.34 -0.30 1.29
N ASN A 108 -8.66 0.65 2.17
CA ASN A 108 -9.03 0.30 3.53
C ASN A 108 -10.30 -0.56 3.57
N ASN A 109 -11.21 -0.38 2.62
CA ASN A 109 -12.44 -1.15 2.64
C ASN A 109 -12.23 -2.56 2.10
N GLN A 110 -11.32 -2.72 1.14
CA GLN A 110 -10.89 -4.04 0.70
C GLN A 110 -10.21 -4.82 1.84
N LEU A 111 -9.42 -4.13 2.66
CA LEU A 111 -8.80 -4.79 3.79
C LEU A 111 -9.86 -5.42 4.68
N ILE A 112 -11.01 -4.75 4.82
CA ILE A 112 -12.10 -5.28 5.62
C ILE A 112 -12.79 -6.43 4.89
N VAL A 113 -13.17 -6.21 3.63
CA VAL A 113 -13.92 -7.20 2.88
C VAL A 113 -13.09 -8.46 2.66
N MET A 114 -11.79 -8.31 2.45
CA MET A 114 -10.95 -9.47 2.15
C MET A 114 -10.50 -10.22 3.40
N GLY A 115 -10.89 -9.79 4.59
CA GLY A 115 -10.38 -10.43 5.80
C GLY A 115 -8.90 -10.21 6.01
N TYR A 116 -8.29 -9.25 5.31
CA TYR A 116 -6.85 -9.03 5.42
C TYR A 116 -6.47 -8.56 6.82
N ASN A 117 -7.33 -7.76 7.45
CA ASN A 117 -6.99 -7.21 8.75
C ASN A 117 -6.82 -8.29 9.80
N ASN A 118 -7.53 -9.42 9.66
CA ASN A 118 -7.36 -10.52 10.59
C ASN A 118 -5.97 -11.11 10.52
N PHE A 119 -5.34 -11.08 9.34
CA PHE A 119 -3.94 -11.50 9.27
C PHE A 119 -3.02 -10.53 10.00
N ILE A 120 -3.34 -9.24 10.02
CA ILE A 120 -2.50 -8.31 10.77
C ILE A 120 -2.66 -8.54 12.27
N LEU A 121 -3.89 -8.78 12.72
CA LEU A 121 -4.12 -9.12 14.12
C LEU A 121 -3.39 -10.40 14.50
N LYS A 122 -3.44 -11.41 13.64
CA LYS A 122 -2.73 -12.65 13.91
C LYS A 122 -1.24 -12.40 14.09
N GLU A 123 -0.65 -11.58 13.21
CA GLU A 123 0.78 -11.29 13.27
C GLU A 123 1.17 -10.76 14.65
N LYS A 124 0.32 -9.93 15.24
CA LYS A 124 0.64 -9.30 16.53
C LYS A 124 0.66 -10.33 17.64
N LYS A 125 -0.39 -11.14 17.73
CA LYS A 125 -0.49 -12.09 18.83
C LYS A 125 0.61 -13.15 18.76
N ILE A 126 1.00 -13.56 17.55
CA ILE A 126 2.14 -14.47 17.42
C ILE A 126 3.39 -13.86 18.02
N ASN A 127 3.62 -12.57 17.76
CA ASN A 127 4.79 -11.90 18.33
C ASN A 127 4.69 -11.77 19.84
N ASP A 128 3.47 -11.71 20.38
CA ASP A 128 3.29 -11.82 21.82
C ASP A 128 3.50 -13.26 22.27
N MET A 129 2.91 -14.22 21.54
CA MET A 129 3.16 -15.62 21.83
C MET A 129 4.66 -15.93 21.82
N LEU A 130 5.42 -15.24 20.97
CA LEU A 130 6.88 -15.40 20.99
C LEU A 130 7.52 -14.66 22.15
N LYS A 131 6.95 -13.53 22.57
CA LYS A 131 7.40 -12.86 23.78
C LYS A 131 7.24 -13.76 24.99
N LEU A 132 6.21 -14.61 25.00
CA LEU A 132 6.01 -15.58 26.07
C LEU A 132 6.95 -16.76 25.91
N VAL A 133 8.18 -16.49 25.46
CA VAL A 133 9.22 -17.51 25.37
C VAL A 133 10.57 -16.80 25.16
C01 A1IUZ B . -0.92 13.06 -12.31
C02 A1IUZ B . 0.01 11.92 -12.82
C03 A1IUZ B . -0.10 11.44 -14.16
C04 A1IUZ B . 0.75 10.41 -14.62
C05 A1IUZ B . 1.72 9.82 -13.78
C06 A1IUZ B . 1.85 10.27 -12.46
C07 A1IUZ B . 1.02 11.31 -11.99
C08 A1IUZ B . 1.21 11.70 -10.59
C10 A1IUZ B . 1.23 11.32 -8.39
C11 A1IUZ B . 1.10 10.50 -7.15
C12 A1IUZ B . 1.57 12.96 -9.99
C13 A1IUZ B . 1.58 12.70 -8.58
C14 A1IUZ B . 1.90 14.32 -10.57
C15 A1IUZ B . 1.07 15.55 -9.99
C16 A1IUZ B . 1.66 16.11 -8.62
C17 A1IUZ B . 2.55 15.07 -7.87
C18 A1IUZ B . 1.89 13.73 -7.57
N09 A1IUZ B . 1.02 10.75 -9.62
O19 A1IUZ B . 1.58 13.50 -6.41
#